data_2ORU
#
_entry.id   2ORU
#
_cell.length_a   1.000
_cell.length_b   1.000
_cell.length_c   1.000
_cell.angle_alpha   90.00
_cell.angle_beta   90.00
_cell.angle_gamma   90.00
#
_symmetry.space_group_name_H-M   'P 1'
#
_entity_poly.entity_id   1
_entity_poly.type   'polypeptide(L)'
_entity_poly.pdbx_seq_one_letter_code
;KAWTWTWNPATGKWTWRKNE
;
_entity_poly.pdbx_strand_id   A
#
# COMPACT_ATOMS: atom_id res chain seq x y z
N LYS A 1 3.98 5.16 8.78
CA LYS A 1 3.68 4.26 9.88
C LYS A 1 2.17 4.05 10.01
N ALA A 2 1.46 4.18 8.90
CA ALA A 2 0.01 4.00 8.89
C ALA A 2 -0.36 2.52 8.86
N TRP A 3 -0.18 1.88 7.71
CA TRP A 3 -0.50 0.47 7.55
C TRP A 3 0.64 -0.27 6.86
N THR A 4 0.33 -1.43 6.30
CA THR A 4 1.33 -2.24 5.61
C THR A 4 1.97 -1.46 4.46
N TRP A 5 3.18 -1.85 4.08
CA TRP A 5 3.89 -1.20 2.99
C TRP A 5 4.30 -2.20 1.92
N THR A 6 3.42 -2.45 0.97
CA THR A 6 3.69 -3.39 -0.11
C THR A 6 3.62 -2.71 -1.47
N TRP A 7 4.01 -3.42 -2.51
CA TRP A 7 3.99 -2.89 -3.87
C TRP A 7 2.56 -2.72 -4.37
N ASN A 8 2.23 -1.53 -4.84
CA ASN A 8 0.89 -1.25 -5.35
C ASN A 8 0.92 -1.00 -6.85
N PRO A 9 0.78 -2.08 -7.63
CA PRO A 9 0.78 -2.02 -9.09
C PRO A 9 -0.47 -1.34 -9.64
N ALA A 10 -1.48 -1.18 -8.79
CA ALA A 10 -2.73 -0.55 -9.20
C ALA A 10 -2.48 0.84 -9.78
N THR A 11 -1.53 1.56 -9.18
CA THR A 11 -1.19 2.90 -9.64
C THR A 11 0.24 2.96 -10.14
N GLY A 12 1.11 2.15 -9.54
CA GLY A 12 2.50 2.13 -9.95
C GLY A 12 3.42 2.69 -8.87
N LYS A 13 2.84 3.03 -7.73
CA LYS A 13 3.62 3.59 -6.62
C LYS A 13 3.29 2.86 -5.31
N TRP A 14 4.33 2.45 -4.60
CA TRP A 14 4.16 1.74 -3.33
C TRP A 14 3.22 2.52 -2.41
N THR A 15 2.00 2.03 -2.25
CA THR A 15 1.02 2.68 -1.40
C THR A 15 0.66 1.80 -0.20
N TRP A 16 0.33 2.44 0.91
CA TRP A 16 -0.03 1.72 2.13
C TRP A 16 -1.31 0.91 1.92
N ARG A 17 -1.42 -0.21 2.62
CA ARG A 17 -2.59 -1.07 2.52
C ARG A 17 -3.16 -1.38 3.90
N LYS A 18 -4.48 -1.24 4.04
CA LYS A 18 -5.15 -1.50 5.30
C LYS A 18 -6.18 -2.62 5.14
N ASN A 19 -6.28 -3.48 6.17
CA ASN A 19 -7.21 -4.58 6.15
C ASN A 19 -8.34 -4.36 7.15
N GLU A 20 -8.91 -3.16 7.15
CA GLU A 20 -9.99 -2.83 8.08
C GLU A 20 -10.98 -1.87 7.42
N LYS A 1 4.00 5.37 10.67
CA LYS A 1 3.60 4.23 9.86
C LYS A 1 2.09 4.00 9.95
N ALA A 2 1.40 4.24 8.85
CA ALA A 2 -0.05 4.06 8.80
C ALA A 2 -0.42 2.58 8.80
N TRP A 3 -0.23 1.93 7.66
CA TRP A 3 -0.54 0.51 7.53
C TRP A 3 0.60 -0.23 6.84
N THR A 4 0.30 -1.42 6.32
CA THR A 4 1.30 -2.24 5.63
C THR A 4 1.93 -1.47 4.48
N TRP A 5 3.15 -1.86 4.12
CA TRP A 5 3.87 -1.21 3.02
C TRP A 5 4.28 -2.22 1.96
N THR A 6 3.38 -2.45 1.00
CA THR A 6 3.65 -3.39 -0.08
C THR A 6 3.56 -2.71 -1.44
N TRP A 7 3.97 -3.43 -2.48
CA TRP A 7 3.94 -2.89 -3.84
C TRP A 7 2.51 -2.76 -4.34
N ASN A 8 2.19 -1.60 -4.92
CA ASN A 8 0.85 -1.35 -5.43
C ASN A 8 0.89 -1.05 -6.93
N PRO A 9 0.75 -2.11 -7.75
CA PRO A 9 0.77 -1.98 -9.21
C PRO A 9 -0.47 -1.26 -9.75
N ALA A 10 -1.48 -1.12 -8.90
CA ALA A 10 -2.71 -0.45 -9.30
C ALA A 10 -2.43 0.92 -9.90
N THR A 11 -1.46 1.62 -9.34
CA THR A 11 -1.09 2.94 -9.82
C THR A 11 0.36 2.97 -10.30
N GLY A 12 1.21 2.16 -9.66
CA GLY A 12 2.61 2.11 -10.03
C GLY A 12 3.52 2.65 -8.95
N LYS A 13 2.94 3.00 -7.81
CA LYS A 13 3.70 3.55 -6.69
C LYS A 13 3.35 2.82 -5.39
N TRP A 14 4.38 2.39 -4.66
CA TRP A 14 4.18 1.70 -3.40
C TRP A 14 3.24 2.47 -2.48
N THR A 15 2.01 1.98 -2.34
CA THR A 15 1.02 2.62 -1.50
C THR A 15 0.70 1.78 -0.27
N TRP A 16 0.20 2.43 0.78
CA TRP A 16 -0.14 1.72 2.02
C TRP A 16 -1.44 0.96 1.86
N ARG A 17 -1.52 -0.22 2.48
CA ARG A 17 -2.71 -1.05 2.40
C ARG A 17 -3.26 -1.33 3.80
N LYS A 18 -4.57 -1.24 3.94
CA LYS A 18 -5.22 -1.49 5.22
C LYS A 18 -6.25 -2.60 5.10
N ASN A 19 -6.32 -3.45 6.11
CA ASN A 19 -7.26 -4.56 6.12
C ASN A 19 -8.35 -4.36 7.18
N GLU A 20 -8.51 -3.11 7.62
CA GLU A 20 -9.51 -2.79 8.62
C GLU A 20 -10.76 -2.20 7.98
N LYS A 1 4.04 5.92 10.06
CA LYS A 1 3.59 4.57 9.76
C LYS A 1 2.08 4.45 9.90
N ALA A 2 1.41 4.06 8.82
CA ALA A 2 -0.04 3.91 8.84
C ALA A 2 -0.43 2.43 8.81
N TRP A 3 -0.27 1.80 7.65
CA TRP A 3 -0.60 0.39 7.50
C TRP A 3 0.52 -0.37 6.81
N THR A 4 0.19 -1.53 6.26
CA THR A 4 1.18 -2.36 5.57
C THR A 4 1.86 -1.58 4.44
N TRP A 5 3.06 -1.98 4.09
CA TRP A 5 3.81 -1.33 3.02
C TRP A 5 4.22 -2.33 1.95
N THR A 6 3.36 -2.51 0.96
CA THR A 6 3.63 -3.44 -0.13
C THR A 6 3.56 -2.74 -1.49
N TRP A 7 3.98 -3.45 -2.53
CA TRP A 7 3.97 -2.90 -3.88
C TRP A 7 2.54 -2.75 -4.39
N ASN A 8 2.23 -1.58 -4.94
CA ASN A 8 0.90 -1.30 -5.47
C ASN A 8 0.97 -1.00 -6.96
N PRO A 9 0.83 -2.05 -7.78
CA PRO A 9 0.87 -1.92 -9.25
C PRO A 9 -0.37 -1.21 -9.80
N ALA A 10 -1.40 -1.10 -8.96
CA ALA A 10 -2.63 -0.44 -9.37
C ALA A 10 -2.36 0.94 -9.94
N THR A 11 -1.38 1.64 -9.36
CA THR A 11 -1.02 2.97 -9.81
C THR A 11 0.44 3.02 -10.28
N GLY A 12 1.29 2.22 -9.64
CA GLY A 12 2.69 2.20 -9.99
C GLY A 12 3.58 2.74 -8.90
N LYS A 13 2.99 3.06 -7.76
CA LYS A 13 3.73 3.59 -6.63
C LYS A 13 3.38 2.85 -5.34
N TRP A 14 4.40 2.41 -4.61
CA TRP A 14 4.19 1.69 -3.35
C TRP A 14 3.25 2.46 -2.44
N THR A 15 2.01 1.97 -2.32
CA THR A 15 1.02 2.60 -1.48
C THR A 15 0.71 1.75 -0.25
N TRP A 16 0.12 2.38 0.77
CA TRP A 16 -0.22 1.67 2.00
C TRP A 16 -1.53 0.91 1.84
N ARG A 17 -1.60 -0.27 2.45
CA ARG A 17 -2.81 -1.10 2.37
C ARG A 17 -3.36 -1.38 3.77
N LYS A 18 -4.67 -1.27 3.92
CA LYS A 18 -5.31 -1.52 5.20
C LYS A 18 -6.36 -2.62 5.08
N ASN A 19 -6.48 -3.43 6.12
CA ASN A 19 -7.45 -4.53 6.13
C ASN A 19 -8.67 -4.17 6.97
N GLU A 20 -8.44 -3.50 8.10
CA GLU A 20 -9.52 -3.11 8.99
C GLU A 20 -10.02 -1.71 8.65
N LYS A 1 3.88 5.38 9.26
CA LYS A 1 3.60 4.08 9.85
C LYS A 1 2.10 3.84 9.95
N ALA A 2 1.37 4.18 8.89
CA ALA A 2 -0.07 3.99 8.86
C ALA A 2 -0.43 2.51 8.85
N TRP A 3 -0.26 1.87 7.69
CA TRP A 3 -0.56 0.45 7.54
C TRP A 3 0.58 -0.28 6.86
N THR A 4 0.28 -1.46 6.31
CA THR A 4 1.28 -2.27 5.63
C THR A 4 1.92 -1.49 4.49
N TRP A 5 3.14 -1.88 4.12
CA TRP A 5 3.86 -1.21 3.04
C TRP A 5 4.28 -2.22 1.98
N THR A 6 3.41 -2.43 1.00
CA THR A 6 3.68 -3.37 -0.09
C THR A 6 3.61 -2.68 -1.44
N TRP A 7 4.02 -3.39 -2.48
CA TRP A 7 4.00 -2.84 -3.84
C TRP A 7 2.57 -2.73 -4.35
N ASN A 8 2.23 -1.55 -4.88
CA ASN A 8 0.90 -1.31 -5.41
C ASN A 8 0.94 -1.02 -6.91
N PRO A 9 0.83 -2.08 -7.72
CA PRO A 9 0.86 -1.95 -9.18
C PRO A 9 -0.39 -1.27 -9.73
N ALA A 10 -1.42 -1.18 -8.90
CA ALA A 10 -2.67 -0.54 -9.30
C ALA A 10 -2.42 0.84 -9.89
N THR A 11 -1.46 1.56 -9.31
CA THR A 11 -1.12 2.90 -9.78
C THR A 11 0.33 2.96 -10.25
N GLY A 12 1.20 2.19 -9.61
CA GLY A 12 2.60 2.17 -9.99
C GLY A 12 3.49 2.74 -8.90
N LYS A 13 2.89 3.07 -7.75
CA LYS A 13 3.65 3.61 -6.63
C LYS A 13 3.31 2.88 -5.33
N TRP A 14 4.34 2.46 -4.61
CA TRP A 14 4.15 1.75 -3.35
C TRP A 14 3.20 2.51 -2.43
N THR A 15 1.99 2.00 -2.30
CA THR A 15 0.97 2.63 -1.45
C THR A 15 0.67 1.77 -0.22
N TRP A 16 0.14 2.40 0.82
CA TRP A 16 -0.20 1.70 2.04
C TRP A 16 -1.49 0.91 1.89
N ARG A 17 -1.55 -0.26 2.51
CA ARG A 17 -2.73 -1.11 2.44
C ARG A 17 -3.28 -1.40 3.84
N LYS A 18 -4.59 -1.30 3.98
CA LYS A 18 -5.24 -1.56 5.27
C LYS A 18 -6.26 -2.68 5.15
N ASN A 19 -6.34 -3.52 6.18
CA ASN A 19 -7.28 -4.63 6.20
C ASN A 19 -8.60 -4.22 6.85
N GLU A 20 -8.53 -3.27 7.78
CA GLU A 20 -9.71 -2.80 8.48
C GLU A 20 -10.08 -1.39 8.02
N LYS A 1 4.22 5.11 10.91
CA LYS A 1 3.68 4.40 9.76
C LYS A 1 2.18 4.17 9.92
N ALA A 2 1.46 4.24 8.80
CA ALA A 2 0.02 4.04 8.82
C ALA A 2 -0.33 2.56 8.82
N TRP A 3 -0.18 1.91 7.68
CA TRP A 3 -0.48 0.49 7.54
C TRP A 3 0.66 -0.24 6.85
N THR A 4 0.35 -1.43 6.33
CA THR A 4 1.35 -2.23 5.63
C THR A 4 1.99 -1.46 4.48
N TRP A 5 3.21 -1.84 4.12
CA TRP A 5 3.91 -1.18 3.03
C TRP A 5 4.33 -2.19 1.96
N THR A 6 3.47 -2.41 0.98
CA THR A 6 3.74 -3.34 -0.09
C THR A 6 3.64 -2.67 -1.45
N TRP A 7 4.06 -3.38 -2.49
CA TRP A 7 4.01 -2.84 -3.85
C TRP A 7 2.57 -2.74 -4.35
N ASN A 8 2.23 -1.59 -4.92
CA ASN A 8 0.89 -1.35 -5.44
C ASN A 8 0.92 -1.06 -6.93
N PRO A 9 0.80 -2.12 -7.75
CA PRO A 9 0.81 -2.00 -9.21
C PRO A 9 -0.44 -1.32 -9.74
N ALA A 10 -1.45 -1.20 -8.89
CA ALA A 10 -2.71 -0.56 -9.28
C ALA A 10 -2.45 0.82 -9.89
N THR A 11 -1.50 1.56 -9.31
CA THR A 11 -1.17 2.89 -9.80
C THR A 11 0.28 2.95 -10.27
N GLY A 12 1.15 2.16 -9.65
CA GLY A 12 2.54 2.13 -10.02
C GLY A 12 3.43 2.70 -8.95
N LYS A 13 2.85 3.04 -7.80
CA LYS A 13 3.60 3.59 -6.68
C LYS A 13 3.28 2.86 -5.39
N TRP A 14 4.32 2.45 -4.67
CA TRP A 14 4.14 1.75 -3.40
C TRP A 14 3.19 2.51 -2.48
N THR A 15 1.97 1.99 -2.34
CA THR A 15 0.97 2.61 -1.48
C THR A 15 0.70 1.77 -0.24
N TRP A 16 0.11 2.39 0.77
CA TRP A 16 -0.20 1.70 2.02
C TRP A 16 -1.50 0.91 1.89
N ARG A 17 -1.53 -0.26 2.51
CA ARG A 17 -2.71 -1.11 2.47
C ARG A 17 -3.23 -1.40 3.87
N LYS A 18 -4.55 -1.32 4.04
CA LYS A 18 -5.17 -1.57 5.33
C LYS A 18 -6.19 -2.70 5.24
N ASN A 19 -6.29 -3.49 6.30
CA ASN A 19 -7.22 -4.61 6.35
C ASN A 19 -8.66 -4.11 6.49
N GLU A 20 -8.95 -3.49 7.63
CA GLU A 20 -10.29 -2.96 7.89
C GLU A 20 -10.23 -1.46 8.16
N LYS A 1 4.04 5.58 10.87
CA LYS A 1 3.51 4.74 9.80
C LYS A 1 1.99 4.63 9.91
N ALA A 2 1.37 4.08 8.86
CA ALA A 2 -0.07 3.92 8.83
C ALA A 2 -0.46 2.44 8.80
N TRP A 3 -0.26 1.81 7.66
CA TRP A 3 -0.59 0.40 7.49
C TRP A 3 0.55 -0.35 6.81
N THR A 4 0.24 -1.52 6.26
CA THR A 4 1.23 -2.34 5.57
C THR A 4 1.87 -1.56 4.42
N TRP A 5 3.11 -1.94 4.08
CA TRP A 5 3.83 -1.28 3.00
C TRP A 5 4.24 -2.28 1.93
N THR A 6 3.35 -2.51 0.96
CA THR A 6 3.62 -3.44 -0.11
C THR A 6 3.55 -2.75 -1.48
N TRP A 7 3.95 -3.46 -2.52
CA TRP A 7 3.93 -2.91 -3.87
C TRP A 7 2.50 -2.77 -4.38
N ASN A 8 2.19 -1.59 -4.93
CA ASN A 8 0.86 -1.32 -5.44
C ASN A 8 0.92 -1.02 -6.94
N PRO A 9 0.77 -2.07 -7.76
CA PRO A 9 0.80 -1.95 -9.22
C PRO A 9 -0.43 -1.23 -9.76
N ALA A 10 -1.46 -1.12 -8.93
CA ALA A 10 -2.70 -0.45 -9.33
C ALA A 10 -2.42 0.93 -9.92
N THR A 11 -1.43 1.62 -9.35
CA THR A 11 -1.06 2.95 -9.81
C THR A 11 0.39 2.98 -10.29
N GLY A 12 1.24 2.19 -9.64
CA GLY A 12 2.64 2.14 -10.02
C GLY A 12 3.55 2.68 -8.93
N LYS A 13 2.96 3.02 -7.78
CA LYS A 13 3.73 3.55 -6.66
C LYS A 13 3.37 2.82 -5.37
N TRP A 14 4.39 2.39 -4.64
CA TRP A 14 4.18 1.68 -3.38
C TRP A 14 3.26 2.46 -2.47
N THR A 15 2.02 1.97 -2.33
CA THR A 15 1.03 2.62 -1.48
C THR A 15 0.69 1.76 -0.27
N TRP A 16 0.22 2.40 0.80
CA TRP A 16 -0.15 1.69 2.01
C TRP A 16 -1.45 0.93 1.84
N ARG A 17 -1.53 -0.25 2.45
CA ARG A 17 -2.73 -1.08 2.36
C ARG A 17 -3.29 -1.37 3.74
N LYS A 18 -4.61 -1.26 3.88
CA LYS A 18 -5.27 -1.51 5.15
C LYS A 18 -6.31 -2.62 5.01
N ASN A 19 -6.42 -3.47 6.03
CA ASN A 19 -7.38 -4.56 6.02
C ASN A 19 -8.64 -4.19 6.76
N GLU A 20 -8.49 -3.51 7.89
CA GLU A 20 -9.63 -3.09 8.69
C GLU A 20 -9.70 -1.56 8.79
N LYS A 1 3.81 5.71 8.31
CA LYS A 1 3.55 4.70 9.33
C LYS A 1 2.06 4.62 9.64
N ALA A 2 1.30 4.02 8.72
CA ALA A 2 -0.14 3.87 8.89
C ALA A 2 -0.54 2.40 8.85
N TRP A 3 -0.34 1.76 7.70
CA TRP A 3 -0.68 0.36 7.53
C TRP A 3 0.45 -0.40 6.84
N THR A 4 0.12 -1.57 6.29
CA THR A 4 1.11 -2.39 5.60
C THR A 4 1.78 -1.62 4.47
N TRP A 5 3.01 -2.01 4.14
CA TRP A 5 3.75 -1.36 3.07
C TRP A 5 4.16 -2.36 1.99
N THR A 6 3.28 -2.56 1.01
CA THR A 6 3.53 -3.49 -0.08
C THR A 6 3.50 -2.79 -1.43
N TRP A 7 3.90 -3.49 -2.47
CA TRP A 7 3.91 -2.93 -3.82
C TRP A 7 2.49 -2.75 -4.34
N ASN A 8 2.20 -1.57 -4.87
CA ASN A 8 0.88 -1.28 -5.41
C ASN A 8 0.95 -0.96 -6.90
N PRO A 9 0.80 -2.00 -7.73
CA PRO A 9 0.85 -1.87 -9.19
C PRO A 9 -0.37 -1.14 -9.74
N ALA A 10 -1.40 -1.00 -8.91
CA ALA A 10 -2.62 -0.32 -9.32
C ALA A 10 -2.31 1.07 -9.89
N THR A 11 -1.33 1.73 -9.30
CA THR A 11 -0.94 3.06 -9.75
C THR A 11 0.52 3.08 -10.22
N GLY A 12 1.35 2.26 -9.57
CA GLY A 12 2.75 2.19 -9.93
C GLY A 12 3.66 2.72 -8.83
N LYS A 13 3.07 3.05 -7.69
CA LYS A 13 3.83 3.56 -6.55
C LYS A 13 3.45 2.82 -5.27
N TRP A 14 4.44 2.36 -4.54
CA TRP A 14 4.22 1.65 -3.29
C TRP A 14 3.29 2.43 -2.37
N THR A 15 2.05 1.96 -2.25
CA THR A 15 1.06 2.62 -1.41
C THR A 15 0.70 1.75 -0.20
N TRP A 16 0.22 2.40 0.86
CA TRP A 16 -0.16 1.68 2.07
C TRP A 16 -1.47 0.93 1.88
N ARG A 17 -1.58 -0.24 2.48
CA ARG A 17 -2.79 -1.05 2.37
C ARG A 17 -3.37 -1.35 3.74
N LYS A 18 -4.68 -1.22 3.87
CA LYS A 18 -5.36 -1.48 5.13
C LYS A 18 -6.42 -2.57 4.97
N ASN A 19 -6.55 -3.42 5.99
CA ASN A 19 -7.52 -4.50 5.96
C ASN A 19 -8.66 -4.25 6.94
N GLU A 20 -8.32 -3.63 8.07
CA GLU A 20 -9.32 -3.33 9.10
C GLU A 20 -9.52 -1.82 9.23
N LYS A 1 4.34 3.74 8.71
CA LYS A 1 3.83 5.06 9.04
C LYS A 1 2.35 4.99 9.41
N ALA A 2 1.57 4.26 8.62
CA ALA A 2 0.14 4.11 8.88
C ALA A 2 -0.26 2.64 8.88
N TRP A 3 -0.10 2.00 7.73
CA TRP A 3 -0.45 0.58 7.60
C TRP A 3 0.67 -0.19 6.90
N THR A 4 0.32 -1.36 6.38
CA THR A 4 1.29 -2.20 5.68
C THR A 4 1.94 -1.45 4.53
N TRP A 5 3.15 -1.88 4.15
CA TRP A 5 3.88 -1.25 3.07
C TRP A 5 4.25 -2.26 1.99
N THR A 6 3.35 -2.47 1.05
CA THR A 6 3.59 -3.43 -0.03
C THR A 6 3.52 -2.74 -1.40
N TRP A 7 3.91 -3.46 -2.43
CA TRP A 7 3.90 -2.93 -3.79
C TRP A 7 2.46 -2.75 -4.29
N ASN A 8 2.18 -1.59 -4.85
CA ASN A 8 0.84 -1.30 -5.37
C ASN A 8 0.90 -1.01 -6.87
N PRO A 9 0.72 -2.06 -7.68
CA PRO A 9 0.74 -1.94 -9.15
C PRO A 9 -0.48 -1.20 -9.69
N ALA A 10 -1.49 -1.03 -8.83
CA ALA A 10 -2.70 -0.34 -9.22
C ALA A 10 -2.39 1.03 -9.84
N THR A 11 -1.41 1.71 -9.26
CA THR A 11 -1.01 3.03 -9.75
C THR A 11 0.44 3.02 -10.22
N GLY A 12 1.27 2.20 -9.60
CA GLY A 12 2.67 2.11 -9.98
C GLY A 12 3.59 2.64 -8.89
N LYS A 13 3.02 2.99 -7.74
CA LYS A 13 3.79 3.52 -6.63
C LYS A 13 3.43 2.80 -5.34
N TRP A 14 4.46 2.35 -4.61
CA TRP A 14 4.24 1.65 -3.34
C TRP A 14 3.32 2.45 -2.42
N THR A 15 2.10 1.98 -2.28
CA THR A 15 1.11 2.66 -1.42
C THR A 15 0.80 1.82 -0.19
N TRP A 16 0.25 2.48 0.84
CA TRP A 16 -0.09 1.80 2.08
C TRP A 16 -1.41 1.05 1.94
N ARG A 17 -1.49 -0.12 2.57
CA ARG A 17 -2.70 -0.93 2.51
C ARG A 17 -3.25 -1.20 3.92
N LYS A 18 -4.56 -1.06 4.08
CA LYS A 18 -5.19 -1.29 5.37
C LYS A 18 -6.26 -2.39 5.27
N ASN A 19 -6.36 -3.19 6.31
CA ASN A 19 -7.34 -4.28 6.34
C ASN A 19 -8.35 -4.08 7.46
N GLU A 20 -9.49 -3.48 7.13
CA GLU A 20 -10.54 -3.23 8.11
C GLU A 20 -11.40 -4.47 8.31
N LYS A 1 4.06 6.17 9.18
CA LYS A 1 3.68 4.76 9.32
C LYS A 1 2.20 4.63 9.66
N ALA A 2 1.44 4.01 8.76
CA ALA A 2 0.01 3.83 8.96
C ALA A 2 -0.36 2.35 8.94
N TRP A 3 -0.19 1.72 7.77
CA TRP A 3 -0.50 0.31 7.62
C TRP A 3 0.64 -0.43 6.90
N THR A 4 0.33 -1.60 6.36
CA THR A 4 1.33 -2.40 5.65
C THR A 4 1.95 -1.61 4.51
N TRP A 5 3.17 -1.99 4.14
CA TRP A 5 3.89 -1.32 3.06
C TRP A 5 4.29 -2.31 1.97
N THR A 6 3.40 -2.52 1.02
CA THR A 6 3.67 -3.45 -0.08
C THR A 6 3.58 -2.74 -1.44
N TRP A 7 3.98 -3.45 -2.49
CA TRP A 7 3.95 -2.89 -3.83
C TRP A 7 2.52 -2.75 -4.33
N ASN A 8 2.19 -1.58 -4.88
CA ASN A 8 0.85 -1.32 -5.38
C ASN A 8 0.89 -1.00 -6.88
N PRO A 9 0.75 -2.05 -7.71
CA PRO A 9 0.76 -1.91 -9.17
C PRO A 9 -0.48 -1.20 -9.69
N ALA A 10 -1.49 -1.07 -8.84
CA ALA A 10 -2.73 -0.40 -9.21
C ALA A 10 -2.47 0.98 -9.80
N THR A 11 -1.50 1.68 -9.22
CA THR A 11 -1.14 3.01 -9.67
C THR A 11 0.31 3.07 -10.16
N GLY A 12 1.16 2.24 -9.55
CA GLY A 12 2.57 2.22 -9.93
C GLY A 12 3.47 2.76 -8.84
N LYS A 13 2.89 3.07 -7.69
CA LYS A 13 3.65 3.60 -6.56
C LYS A 13 3.31 2.85 -5.28
N TRP A 14 4.35 2.42 -4.56
CA TRP A 14 4.16 1.70 -3.31
C TRP A 14 3.22 2.45 -2.38
N THR A 15 2.00 1.94 -2.23
CA THR A 15 1.00 2.57 -1.37
C THR A 15 0.71 1.71 -0.15
N TRP A 16 0.17 2.33 0.90
CA TRP A 16 -0.15 1.62 2.13
C TRP A 16 -1.45 0.83 1.96
N ARG A 17 -1.50 -0.34 2.58
CA ARG A 17 -2.68 -1.19 2.50
C ARG A 17 -3.22 -1.50 3.90
N LYS A 18 -4.54 -1.40 4.06
CA LYS A 18 -5.18 -1.67 5.34
C LYS A 18 -6.21 -2.79 5.21
N ASN A 19 -6.30 -3.63 6.25
CA ASN A 19 -7.25 -4.73 6.25
C ASN A 19 -8.64 -4.26 6.69
N GLU A 20 -8.67 -3.21 7.50
CA GLU A 20 -9.93 -2.68 7.99
C GLU A 20 -10.25 -1.34 7.31
N LYS A 1 4.30 5.03 10.81
CA LYS A 1 3.81 4.16 9.74
C LYS A 1 2.32 3.93 9.86
N ALA A 2 1.58 4.32 8.83
CA ALA A 2 0.13 4.15 8.81
C ALA A 2 -0.25 2.67 8.82
N TRP A 3 -0.09 2.01 7.68
CA TRP A 3 -0.42 0.60 7.55
C TRP A 3 0.71 -0.15 6.86
N THR A 4 0.39 -1.34 6.34
CA THR A 4 1.37 -2.16 5.65
C THR A 4 2.00 -1.41 4.49
N TRP A 5 3.21 -1.81 4.11
CA TRP A 5 3.93 -1.17 3.02
C TRP A 5 4.32 -2.19 1.96
N THR A 6 3.44 -2.40 0.99
CA THR A 6 3.69 -3.36 -0.09
C THR A 6 3.60 -2.68 -1.46
N TRP A 7 4.00 -3.41 -2.49
CA TRP A 7 3.96 -2.88 -3.86
C TRP A 7 2.52 -2.75 -4.34
N ASN A 8 2.20 -1.57 -4.89
CA ASN A 8 0.85 -1.33 -5.40
C ASN A 8 0.88 -1.05 -6.90
N PRO A 9 0.74 -2.12 -7.70
CA PRO A 9 0.74 -2.02 -9.16
C PRO A 9 -0.50 -1.32 -9.70
N ALA A 10 -1.52 -1.18 -8.85
CA ALA A 10 -2.76 -0.54 -9.24
C ALA A 10 -2.50 0.84 -9.83
N THR A 11 -1.52 1.54 -9.27
CA THR A 11 -1.17 2.87 -9.75
C THR A 11 0.27 2.93 -10.25
N GLY A 12 1.13 2.12 -9.64
CA GLY A 12 2.53 2.08 -10.03
C GLY A 12 3.45 2.64 -8.97
N LYS A 13 2.88 2.99 -7.82
CA LYS A 13 3.65 3.54 -6.72
C LYS A 13 3.32 2.83 -5.41
N TRP A 14 4.36 2.41 -4.69
CA TRP A 14 4.18 1.71 -3.42
C TRP A 14 3.25 2.49 -2.50
N THR A 15 2.03 2.00 -2.35
CA THR A 15 1.04 2.66 -1.49
C THR A 15 0.75 1.82 -0.25
N TRP A 16 0.24 2.47 0.79
CA TRP A 16 -0.08 1.78 2.03
C TRP A 16 -1.39 1.01 1.90
N ARG A 17 -1.46 -0.16 2.53
CA ARG A 17 -2.66 -0.99 2.49
C ARG A 17 -3.18 -1.26 3.89
N LYS A 18 -4.50 -1.15 4.06
CA LYS A 18 -5.14 -1.37 5.34
C LYS A 18 -6.17 -2.50 5.25
N ASN A 19 -6.25 -3.31 6.29
CA ASN A 19 -7.21 -4.42 6.32
C ASN A 19 -8.26 -4.19 7.39
N GLU A 20 -9.22 -3.31 7.09
CA GLU A 20 -10.29 -3.01 8.03
C GLU A 20 -11.65 -3.08 7.35
N LYS A 1 4.22 5.15 11.08
CA LYS A 1 3.64 4.72 9.82
C LYS A 1 2.12 4.56 9.95
N ALA A 2 1.47 4.20 8.84
CA ALA A 2 0.03 4.01 8.83
C ALA A 2 -0.33 2.54 8.83
N TRP A 3 -0.17 1.89 7.68
CA TRP A 3 -0.49 0.48 7.54
C TRP A 3 0.66 -0.27 6.85
N THR A 4 0.34 -1.45 6.32
CA THR A 4 1.34 -2.27 5.63
C THR A 4 1.98 -1.49 4.47
N TRP A 5 3.18 -1.89 4.09
CA TRP A 5 3.90 -1.23 3.01
C TRP A 5 4.30 -2.24 1.94
N THR A 6 3.42 -2.46 0.98
CA THR A 6 3.68 -3.40 -0.11
C THR A 6 3.58 -2.72 -1.47
N TRP A 7 3.98 -3.44 -2.51
CA TRP A 7 3.94 -2.90 -3.87
C TRP A 7 2.50 -2.76 -4.36
N ASN A 8 2.19 -1.60 -4.93
CA ASN A 8 0.84 -1.35 -5.44
C ASN A 8 0.88 -1.05 -6.93
N PRO A 9 0.73 -2.11 -7.75
CA PRO A 9 0.74 -1.98 -9.21
C PRO A 9 -0.50 -1.27 -9.74
N ALA A 10 -1.51 -1.13 -8.88
CA ALA A 10 -2.75 -0.46 -9.26
C ALA A 10 -2.47 0.92 -9.87
N THR A 11 -1.50 1.62 -9.30
CA THR A 11 -1.14 2.95 -9.79
C THR A 11 0.31 2.98 -10.27
N GLY A 12 1.16 2.16 -9.65
CA GLY A 12 2.56 2.12 -10.03
C GLY A 12 3.47 2.67 -8.95
N LYS A 13 2.90 3.01 -7.80
CA LYS A 13 3.67 3.55 -6.69
C LYS A 13 3.32 2.82 -5.39
N TRP A 14 4.36 2.39 -4.67
CA TRP A 14 4.17 1.69 -3.41
C TRP A 14 3.24 2.47 -2.48
N THR A 15 2.01 1.97 -2.34
CA THR A 15 1.02 2.61 -1.48
C THR A 15 0.72 1.76 -0.25
N TRP A 16 0.21 2.41 0.79
CA TRP A 16 -0.13 1.71 2.03
C TRP A 16 -1.43 0.93 1.88
N ARG A 17 -1.48 -0.24 2.50
CA ARG A 17 -2.67 -1.08 2.44
C ARG A 17 -3.21 -1.37 3.84
N LYS A 18 -4.52 -1.28 3.99
CA LYS A 18 -5.17 -1.53 5.27
C LYS A 18 -6.19 -2.65 5.16
N ASN A 19 -6.27 -3.47 6.20
CA ASN A 19 -7.21 -4.60 6.22
C ASN A 19 -8.32 -4.36 7.24
N GLU A 20 -8.79 -3.13 7.33
CA GLU A 20 -9.84 -2.77 8.27
C GLU A 20 -11.04 -2.17 7.54
N LYS A 1 4.31 6.07 9.72
CA LYS A 1 3.77 4.77 9.33
C LYS A 1 2.27 4.69 9.63
N ALA A 2 1.52 4.11 8.70
CA ALA A 2 0.09 3.96 8.88
C ALA A 2 -0.32 2.49 8.86
N TRP A 3 -0.16 1.85 7.71
CA TRP A 3 -0.51 0.45 7.56
C TRP A 3 0.61 -0.32 6.87
N THR A 4 0.26 -1.49 6.33
CA THR A 4 1.24 -2.33 5.64
C THR A 4 1.90 -1.57 4.49
N TRP A 5 3.11 -2.00 4.12
CA TRP A 5 3.84 -1.36 3.04
C TRP A 5 4.21 -2.37 1.97
N THR A 6 3.32 -2.56 1.00
CA THR A 6 3.56 -3.50 -0.09
C THR A 6 3.50 -2.80 -1.44
N TRP A 7 3.88 -3.52 -2.49
CA TRP A 7 3.87 -2.97 -3.84
C TRP A 7 2.43 -2.78 -4.34
N ASN A 8 2.16 -1.61 -4.91
CA ASN A 8 0.83 -1.31 -5.42
C ASN A 8 0.88 -1.00 -6.92
N PRO A 9 0.70 -2.04 -7.74
CA PRO A 9 0.73 -1.90 -9.20
C PRO A 9 -0.49 -1.16 -9.74
N ALA A 10 -1.50 -1.00 -8.89
CA ALA A 10 -2.71 -0.29 -9.27
C ALA A 10 -2.39 1.09 -9.87
N THR A 11 -1.40 1.74 -9.29
CA THR A 11 -0.98 3.07 -9.76
C THR A 11 0.46 3.06 -10.23
N GLY A 12 1.28 2.23 -9.60
CA GLY A 12 2.68 2.14 -9.98
C GLY A 12 3.61 2.65 -8.89
N LYS A 13 3.03 3.00 -7.75
CA LYS A 13 3.81 3.51 -6.62
C LYS A 13 3.44 2.78 -5.33
N TRP A 14 4.45 2.32 -4.61
CA TRP A 14 4.24 1.61 -3.35
C TRP A 14 3.32 2.40 -2.43
N THR A 15 2.08 1.95 -2.29
CA THR A 15 1.10 2.62 -1.43
C THR A 15 0.76 1.76 -0.22
N TRP A 16 0.30 2.41 0.84
CA TRP A 16 -0.08 1.71 2.07
C TRP A 16 -1.40 0.98 1.90
N ARG A 17 -1.50 -0.20 2.51
CA ARG A 17 -2.72 -1.00 2.43
C ARG A 17 -3.28 -1.28 3.82
N LYS A 18 -4.59 -1.14 3.96
CA LYS A 18 -5.25 -1.39 5.24
C LYS A 18 -6.31 -2.47 5.11
N ASN A 19 -6.39 -3.33 6.12
CA ASN A 19 -7.36 -4.43 6.12
C ASN A 19 -8.23 -4.38 7.37
N GLU A 20 -9.04 -3.33 7.48
CA GLU A 20 -9.93 -3.17 8.64
C GLU A 20 -11.38 -3.41 8.24
N LYS A 1 3.88 5.86 9.55
CA LYS A 1 3.51 4.48 9.85
C LYS A 1 2.00 4.33 9.98
N ALA A 2 1.34 4.12 8.84
CA ALA A 2 -0.11 3.96 8.82
C ALA A 2 -0.50 2.48 8.80
N TRP A 3 -0.34 1.84 7.65
CA TRP A 3 -0.67 0.43 7.50
C TRP A 3 0.47 -0.33 6.83
N THR A 4 0.15 -1.50 6.28
CA THR A 4 1.14 -2.32 5.60
C THR A 4 1.81 -1.55 4.46
N TRP A 5 3.02 -1.97 4.11
CA TRP A 5 3.77 -1.32 3.04
C TRP A 5 4.17 -2.33 1.97
N THR A 6 3.30 -2.53 0.98
CA THR A 6 3.57 -3.46 -0.09
C THR A 6 3.50 -2.77 -1.45
N TRP A 7 3.92 -3.48 -2.49
CA TRP A 7 3.91 -2.93 -3.84
C TRP A 7 2.49 -2.77 -4.36
N ASN A 8 2.19 -1.60 -4.92
CA ASN A 8 0.86 -1.32 -5.46
C ASN A 8 0.93 -1.01 -6.95
N PRO A 9 0.79 -2.06 -7.78
CA PRO A 9 0.83 -1.92 -9.24
C PRO A 9 -0.39 -1.18 -9.79
N ALA A 10 -1.42 -1.05 -8.95
CA ALA A 10 -2.65 -0.37 -9.35
C ALA A 10 -2.34 1.02 -9.94
N THR A 11 -1.36 1.69 -9.36
CA THR A 11 -0.96 3.02 -9.81
C THR A 11 0.49 3.03 -10.28
N GLY A 12 1.32 2.22 -9.63
CA GLY A 12 2.72 2.16 -9.99
C GLY A 12 3.63 2.68 -8.90
N LYS A 13 3.04 3.03 -7.75
CA LYS A 13 3.79 3.54 -6.62
C LYS A 13 3.41 2.81 -5.33
N TRP A 14 4.43 2.37 -4.60
CA TRP A 14 4.21 1.66 -3.35
C TRP A 14 3.26 2.43 -2.44
N THR A 15 2.03 1.95 -2.32
CA THR A 15 1.04 2.61 -1.47
C THR A 15 0.69 1.75 -0.26
N TRP A 16 0.19 2.39 0.78
CA TRP A 16 -0.18 1.70 2.01
C TRP A 16 -1.50 0.94 1.83
N ARG A 17 -1.58 -0.24 2.44
CA ARG A 17 -2.79 -1.05 2.34
C ARG A 17 -3.36 -1.34 3.74
N LYS A 18 -4.68 -1.22 3.86
CA LYS A 18 -5.35 -1.47 5.13
C LYS A 18 -6.39 -2.58 4.99
N ASN A 19 -6.47 -3.45 5.99
CA ASN A 19 -7.43 -4.55 5.98
C ASN A 19 -8.62 -4.24 6.88
N GLU A 20 -8.35 -3.58 8.00
CA GLU A 20 -9.42 -3.22 8.94
C GLU A 20 -9.36 -1.74 9.29
N LYS A 1 4.05 5.43 9.44
CA LYS A 1 3.81 4.01 9.66
C LYS A 1 2.32 3.73 9.80
N ALA A 2 1.53 4.28 8.89
CA ALA A 2 0.08 4.08 8.90
C ALA A 2 -0.27 2.59 8.92
N TRP A 3 -0.09 1.94 7.77
CA TRP A 3 -0.39 0.52 7.65
C TRP A 3 0.74 -0.22 6.94
N THR A 4 0.44 -1.40 6.42
CA THR A 4 1.44 -2.21 5.73
C THR A 4 2.05 -1.44 4.57
N TRP A 5 3.26 -1.82 4.19
CA TRP A 5 3.96 -1.16 3.08
C TRP A 5 4.36 -2.17 2.02
N THR A 6 3.46 -2.40 1.06
CA THR A 6 3.73 -3.35 -0.02
C THR A 6 3.61 -2.67 -1.38
N TRP A 7 4.01 -3.39 -2.43
CA TRP A 7 3.96 -2.85 -3.78
C TRP A 7 2.50 -2.74 -4.26
N ASN A 8 2.16 -1.59 -4.83
CA ASN A 8 0.82 -1.35 -5.33
C ASN A 8 0.83 -1.06 -6.83
N PRO A 9 0.69 -2.11 -7.64
CA PRO A 9 0.68 -2.00 -9.10
C PRO A 9 -0.57 -1.31 -9.62
N ALA A 10 -1.58 -1.19 -8.76
CA ALA A 10 -2.83 -0.54 -9.13
C ALA A 10 -2.59 0.83 -9.74
N THR A 11 -1.60 1.55 -9.20
CA THR A 11 -1.26 2.87 -9.69
C THR A 11 0.17 2.93 -10.19
N GLY A 12 1.05 2.15 -9.56
CA GLY A 12 2.45 2.12 -9.96
C GLY A 12 3.36 2.69 -8.89
N LYS A 13 2.79 3.02 -7.74
CA LYS A 13 3.57 3.58 -6.64
C LYS A 13 3.26 2.85 -5.33
N TRP A 14 4.29 2.45 -4.62
CA TRP A 14 4.13 1.74 -3.35
C TRP A 14 3.19 2.51 -2.42
N THR A 15 1.98 2.00 -2.26
CA THR A 15 0.99 2.63 -1.40
C THR A 15 0.71 1.79 -0.16
N TRP A 16 0.21 2.42 0.89
CA TRP A 16 -0.11 1.72 2.13
C TRP A 16 -1.42 0.94 2.00
N ARG A 17 -1.45 -0.23 2.62
CA ARG A 17 -2.64 -1.08 2.57
C ARG A 17 -3.16 -1.37 3.98
N LYS A 18 -4.48 -1.28 4.15
CA LYS A 18 -5.10 -1.53 5.44
C LYS A 18 -6.12 -2.67 5.34
N ASN A 19 -6.15 -3.51 6.36
CA ASN A 19 -7.08 -4.64 6.39
C ASN A 19 -8.53 -4.14 6.37
N GLU A 20 -8.85 -3.23 7.28
CA GLU A 20 -10.19 -2.68 7.38
C GLU A 20 -10.57 -1.95 6.09
N LYS A 1 4.18 5.79 9.77
CA LYS A 1 3.86 4.36 9.88
C LYS A 1 2.36 4.15 10.02
N ALA A 2 1.65 4.26 8.91
CA ALA A 2 0.20 4.07 8.91
C ALA A 2 -0.17 2.59 8.91
N TRP A 3 -0.01 1.95 7.77
CA TRP A 3 -0.33 0.53 7.64
C TRP A 3 0.80 -0.21 6.93
N THR A 4 0.48 -1.39 6.40
CA THR A 4 1.47 -2.21 5.70
C THR A 4 2.09 -1.44 4.53
N TRP A 5 3.28 -1.84 4.13
CA TRP A 5 3.98 -1.19 3.03
C TRP A 5 4.37 -2.21 1.97
N THR A 6 3.47 -2.44 1.01
CA THR A 6 3.72 -3.40 -0.06
C THR A 6 3.61 -2.73 -1.43
N TRP A 7 3.95 -3.46 -2.47
CA TRP A 7 3.89 -2.94 -3.83
C TRP A 7 2.43 -2.77 -4.28
N ASN A 8 2.13 -1.62 -4.86
CA ASN A 8 0.79 -1.34 -5.34
C ASN A 8 0.78 -1.05 -6.84
N PRO A 9 0.59 -2.11 -7.64
CA PRO A 9 0.56 -2.00 -9.11
C PRO A 9 -0.68 -1.27 -9.60
N ALA A 10 -1.66 -1.11 -8.73
CA ALA A 10 -2.91 -0.43 -9.08
C ALA A 10 -2.62 0.94 -9.68
N THR A 11 -1.62 1.64 -9.14
CA THR A 11 -1.25 2.95 -9.64
C THR A 11 0.18 2.97 -10.15
N GLY A 12 1.03 2.14 -9.56
CA GLY A 12 2.42 2.07 -9.98
C GLY A 12 3.37 2.60 -8.92
N LYS A 13 2.82 2.95 -7.77
CA LYS A 13 3.63 3.47 -6.67
C LYS A 13 3.31 2.76 -5.37
N TRP A 14 4.34 2.36 -4.63
CA TRP A 14 4.17 1.67 -3.36
C TRP A 14 3.25 2.45 -2.43
N THR A 15 2.03 1.96 -2.25
CA THR A 15 1.06 2.62 -1.39
C THR A 15 0.75 1.77 -0.16
N TRP A 16 0.31 2.43 0.91
CA TRP A 16 -0.02 1.74 2.15
C TRP A 16 -1.32 0.95 2.00
N ARG A 17 -1.36 -0.21 2.65
CA ARG A 17 -2.55 -1.06 2.59
C ARG A 17 -3.08 -1.35 3.99
N LYS A 18 -4.40 -1.24 4.16
CA LYS A 18 -5.03 -1.48 5.44
C LYS A 18 -6.06 -2.60 5.34
N ASN A 19 -6.15 -3.42 6.38
CA ASN A 19 -7.08 -4.53 6.41
C ASN A 19 -8.40 -4.13 7.08
N GLU A 20 -9.10 -3.18 6.47
CA GLU A 20 -10.37 -2.70 7.02
C GLU A 20 -11.52 -3.01 6.06
N LYS A 1 4.01 5.06 11.00
CA LYS A 1 3.50 4.35 9.84
C LYS A 1 1.99 4.13 9.94
N ALA A 2 1.30 4.26 8.81
CA ALA A 2 -0.15 4.08 8.78
C ALA A 2 -0.50 2.60 8.77
N TRP A 3 -0.30 1.95 7.62
CA TRP A 3 -0.61 0.53 7.48
C TRP A 3 0.54 -0.21 6.81
N THR A 4 0.24 -1.39 6.27
CA THR A 4 1.25 -2.21 5.60
C THR A 4 1.89 -1.43 4.44
N TRP A 5 3.10 -1.83 4.08
CA TRP A 5 3.83 -1.18 3.00
C TRP A 5 4.26 -2.19 1.94
N THR A 6 3.39 -2.43 0.97
CA THR A 6 3.67 -3.37 -0.10
C THR A 6 3.59 -2.71 -1.47
N TRP A 7 3.97 -3.45 -2.51
CA TRP A 7 3.94 -2.92 -3.87
C TRP A 7 2.51 -2.76 -4.35
N ASN A 8 2.21 -1.60 -4.94
CA ASN A 8 0.87 -1.31 -5.44
C ASN A 8 0.90 -1.03 -6.94
N PRO A 9 0.74 -2.09 -7.74
CA PRO A 9 0.75 -1.98 -9.21
C PRO A 9 -0.48 -1.26 -9.74
N ALA A 10 -1.49 -1.13 -8.89
CA ALA A 10 -2.73 -0.45 -9.28
C ALA A 10 -2.44 0.92 -9.88
N THR A 11 -1.44 1.60 -9.34
CA THR A 11 -1.07 2.92 -9.81
C THR A 11 0.38 2.94 -10.30
N GLY A 12 1.22 2.15 -9.66
CA GLY A 12 2.63 2.09 -10.05
C GLY A 12 3.55 2.61 -8.96
N LYS A 13 2.97 2.95 -7.82
CA LYS A 13 3.76 3.49 -6.70
C LYS A 13 3.39 2.76 -5.41
N TRP A 14 4.41 2.38 -4.64
CA TRP A 14 4.20 1.69 -3.38
C TRP A 14 3.25 2.48 -2.47
N THR A 15 2.03 1.98 -2.33
CA THR A 15 1.03 2.64 -1.50
C THR A 15 0.68 1.79 -0.28
N TRP A 16 0.23 2.44 0.78
CA TRP A 16 -0.13 1.75 2.01
C TRP A 16 -1.43 0.96 1.83
N ARG A 17 -1.50 -0.21 2.47
CA ARG A 17 -2.68 -1.05 2.38
C ARG A 17 -3.26 -1.34 3.75
N LYS A 18 -4.57 -1.23 3.87
CA LYS A 18 -5.25 -1.49 5.15
C LYS A 18 -6.26 -2.62 5.01
N ASN A 19 -6.38 -3.44 6.04
CA ASN A 19 -7.31 -4.56 6.04
C ASN A 19 -8.62 -4.16 6.71
N GLU A 20 -8.53 -3.59 7.90
CA GLU A 20 -9.70 -3.17 8.65
C GLU A 20 -9.73 -1.65 8.82
N LYS A 1 4.03 5.80 10.75
CA LYS A 1 3.52 4.82 9.80
C LYS A 1 2.01 4.72 9.88
N ALA A 2 1.40 4.08 8.88
CA ALA A 2 -0.05 3.91 8.84
C ALA A 2 -0.43 2.44 8.82
N TRP A 3 -0.23 1.80 7.68
CA TRP A 3 -0.55 0.38 7.53
C TRP A 3 0.59 -0.37 6.84
N THR A 4 0.27 -1.54 6.29
CA THR A 4 1.27 -2.35 5.61
C THR A 4 1.91 -1.58 4.46
N TRP A 5 3.13 -1.98 4.09
CA TRP A 5 3.85 -1.33 3.01
C TRP A 5 4.25 -2.33 1.93
N THR A 6 3.37 -2.53 0.96
CA THR A 6 3.62 -3.46 -0.12
C THR A 6 3.54 -2.77 -1.47
N TRP A 7 3.94 -3.47 -2.52
CA TRP A 7 3.92 -2.92 -3.88
C TRP A 7 2.49 -2.77 -4.37
N ASN A 8 2.18 -1.61 -4.93
CA ASN A 8 0.84 -1.33 -5.45
C ASN A 8 0.89 -1.02 -6.95
N PRO A 9 0.74 -2.06 -7.77
CA PRO A 9 0.77 -1.93 -9.23
C PRO A 9 -0.47 -1.20 -9.76
N ALA A 10 -1.49 -1.09 -8.92
CA ALA A 10 -2.73 -0.42 -9.30
C ALA A 10 -2.45 0.96 -9.88
N THR A 11 -1.45 1.64 -9.32
CA THR A 11 -1.08 2.97 -9.78
C THR A 11 0.37 3.01 -10.26
N GLY A 12 1.22 2.21 -9.62
CA GLY A 12 2.61 2.17 -10.00
C GLY A 12 3.53 2.70 -8.91
N LYS A 13 2.95 3.03 -7.76
CA LYS A 13 3.71 3.55 -6.64
C LYS A 13 3.36 2.82 -5.35
N TRP A 14 4.39 2.38 -4.63
CA TRP A 14 4.18 1.67 -3.37
C TRP A 14 3.25 2.44 -2.45
N THR A 15 2.02 1.95 -2.32
CA THR A 15 1.03 2.59 -1.46
C THR A 15 0.70 1.73 -0.25
N TRP A 16 0.23 2.37 0.81
CA TRP A 16 -0.13 1.66 2.03
C TRP A 16 -1.44 0.89 1.87
N ARG A 17 -1.52 -0.28 2.48
CA ARG A 17 -2.72 -1.10 2.39
C ARG A 17 -3.27 -1.40 3.79
N LYS A 18 -4.59 -1.29 3.93
CA LYS A 18 -5.24 -1.55 5.20
C LYS A 18 -6.28 -2.67 5.07
N ASN A 19 -6.34 -3.53 6.06
CA ASN A 19 -7.28 -4.64 6.06
C ASN A 19 -8.37 -4.43 7.11
N GLU A 20 -8.54 -3.19 7.54
CA GLU A 20 -9.55 -2.86 8.53
C GLU A 20 -10.26 -1.55 8.18
N LYS A 1 4.12 5.64 10.17
CA LYS A 1 3.72 4.28 9.84
C LYS A 1 2.21 4.11 9.95
N ALA A 2 1.52 4.29 8.82
CA ALA A 2 0.07 4.15 8.79
C ALA A 2 -0.34 2.68 8.78
N TRP A 3 -0.16 2.02 7.64
CA TRP A 3 -0.51 0.62 7.51
C TRP A 3 0.61 -0.17 6.82
N THR A 4 0.27 -1.33 6.29
CA THR A 4 1.24 -2.17 5.61
C THR A 4 1.90 -1.43 4.45
N TRP A 5 3.10 -1.87 4.09
CA TRP A 5 3.84 -1.24 2.99
C TRP A 5 4.23 -2.27 1.93
N THR A 6 3.33 -2.48 0.98
CA THR A 6 3.59 -3.44 -0.10
C THR A 6 3.51 -2.77 -1.46
N TRP A 7 3.86 -3.53 -2.50
CA TRP A 7 3.85 -3.00 -3.86
C TRP A 7 2.41 -2.79 -4.34
N ASN A 8 2.15 -1.63 -4.92
CA ASN A 8 0.82 -1.30 -5.42
C ASN A 8 0.86 -1.02 -6.92
N PRO A 9 0.66 -2.07 -7.73
CA PRO A 9 0.66 -1.96 -9.19
C PRO A 9 -0.55 -1.20 -9.72
N ALA A 10 -1.55 -1.03 -8.86
CA ALA A 10 -2.76 -0.31 -9.24
C ALA A 10 -2.43 1.06 -9.84
N THR A 11 -1.41 1.70 -9.29
CA THR A 11 -0.99 3.01 -9.77
C THR A 11 0.45 2.98 -10.27
N GLY A 12 1.27 2.13 -9.65
CA GLY A 12 2.66 2.02 -10.04
C GLY A 12 3.61 2.52 -8.97
N LYS A 13 3.05 2.90 -7.82
CA LYS A 13 3.86 3.40 -6.71
C LYS A 13 3.48 2.69 -5.41
N TRP A 14 4.48 2.28 -4.65
CA TRP A 14 4.26 1.61 -3.38
C TRP A 14 3.35 2.42 -2.48
N THR A 15 2.11 1.97 -2.32
CA THR A 15 1.14 2.67 -1.48
C THR A 15 0.77 1.84 -0.26
N TRP A 16 0.36 2.50 0.81
CA TRP A 16 -0.03 1.83 2.04
C TRP A 16 -1.34 1.08 1.87
N ARG A 17 -1.45 -0.08 2.50
CA ARG A 17 -2.65 -0.89 2.41
C ARG A 17 -3.23 -1.17 3.79
N LYS A 18 -4.54 -1.01 3.92
CA LYS A 18 -5.22 -1.25 5.19
C LYS A 18 -6.28 -2.34 5.05
N ASN A 19 -6.42 -3.15 6.10
CA ASN A 19 -7.40 -4.23 6.10
C ASN A 19 -8.27 -4.18 7.35
N GLU A 20 -9.28 -3.31 7.32
CA GLU A 20 -10.18 -3.16 8.46
C GLU A 20 -10.83 -4.50 8.82
N LYS A 1 3.92 5.71 10.37
CA LYS A 1 3.51 4.38 9.92
C LYS A 1 1.99 4.22 10.01
N ALA A 2 1.34 4.12 8.86
CA ALA A 2 -0.11 3.96 8.81
C ALA A 2 -0.49 2.49 8.78
N TRP A 3 -0.31 1.85 7.63
CA TRP A 3 -0.63 0.44 7.46
C TRP A 3 0.50 -0.31 6.78
N THR A 4 0.18 -1.47 6.21
CA THR A 4 1.18 -2.28 5.53
C THR A 4 1.84 -1.51 4.39
N TRP A 5 3.04 -1.92 4.02
CA TRP A 5 3.78 -1.26 2.94
C TRP A 5 4.20 -2.27 1.89
N THR A 6 3.32 -2.50 0.92
CA THR A 6 3.59 -3.44 -0.16
C THR A 6 3.55 -2.75 -1.53
N TRP A 7 3.95 -3.47 -2.56
CA TRP A 7 3.96 -2.93 -3.91
C TRP A 7 2.54 -2.76 -4.44
N ASN A 8 2.23 -1.54 -4.90
CA ASN A 8 0.91 -1.24 -5.43
C ASN A 8 0.96 -1.00 -6.93
N PRO A 9 0.82 -2.09 -7.71
CA PRO A 9 0.85 -2.02 -9.18
C PRO A 9 -0.39 -1.33 -9.75
N ALA A 10 -1.39 -1.13 -8.91
CA ALA A 10 -2.63 -0.48 -9.33
C ALA A 10 -2.35 0.90 -9.92
N THR A 11 -1.42 1.62 -9.30
CA THR A 11 -1.05 2.96 -9.76
C THR A 11 0.39 3.00 -10.22
N GLY A 12 1.23 2.16 -9.63
CA GLY A 12 2.64 2.12 -10.00
C GLY A 12 3.53 2.67 -8.91
N LYS A 13 2.95 3.01 -7.77
CA LYS A 13 3.70 3.55 -6.65
C LYS A 13 3.35 2.83 -5.35
N TRP A 14 4.37 2.40 -4.62
CA TRP A 14 4.17 1.69 -3.36
C TRP A 14 3.24 2.48 -2.44
N THR A 15 2.01 1.99 -2.30
CA THR A 15 1.01 2.64 -1.45
C THR A 15 0.66 1.77 -0.26
N TRP A 16 0.27 2.42 0.83
CA TRP A 16 -0.12 1.70 2.04
C TRP A 16 -1.40 0.90 1.83
N ARG A 17 -1.52 -0.22 2.53
CA ARG A 17 -2.71 -1.07 2.42
C ARG A 17 -3.29 -1.37 3.79
N LYS A 18 -4.60 -1.22 3.91
CA LYS A 18 -5.29 -1.48 5.18
C LYS A 18 -6.32 -2.59 5.01
N ASN A 19 -6.43 -3.45 6.02
CA ASN A 19 -7.38 -4.55 6.00
C ASN A 19 -8.64 -4.20 6.77
N GLU A 20 -8.48 -3.46 7.86
CA GLU A 20 -9.61 -3.06 8.69
C GLU A 20 -9.52 -1.59 9.06
N LYS A 1 3.96 5.31 9.11
CA LYS A 1 3.69 3.88 9.19
C LYS A 1 2.21 3.62 9.50
N ALA A 2 1.34 4.19 8.68
CA ALA A 2 -0.10 4.01 8.85
C ALA A 2 -0.49 2.53 8.84
N TRP A 3 -0.28 1.89 7.69
CA TRP A 3 -0.60 0.47 7.54
C TRP A 3 0.54 -0.28 6.85
N THR A 4 0.22 -1.44 6.31
CA THR A 4 1.21 -2.26 5.62
C THR A 4 1.85 -1.50 4.47
N TRP A 5 3.10 -1.82 4.17
CA TRP A 5 3.83 -1.16 3.08
C TRP A 5 4.26 -2.17 2.03
N THR A 6 3.40 -2.39 1.04
CA THR A 6 3.70 -3.34 -0.03
C THR A 6 3.61 -2.66 -1.39
N TRP A 7 4.03 -3.38 -2.43
CA TRP A 7 4.00 -2.84 -3.79
C TRP A 7 2.57 -2.72 -4.30
N ASN A 8 2.23 -1.56 -4.86
CA ASN A 8 0.90 -1.32 -5.39
C ASN A 8 0.94 -1.03 -6.88
N PRO A 9 0.81 -2.08 -7.70
CA PRO A 9 0.83 -1.97 -9.16
C PRO A 9 -0.41 -1.26 -9.70
N ALA A 10 -1.42 -1.11 -8.85
CA ALA A 10 -2.66 -0.45 -9.24
C ALA A 10 -2.38 0.93 -9.83
N THR A 11 -1.42 1.63 -9.24
CA THR A 11 -1.06 2.97 -9.70
C THR A 11 0.39 3.01 -10.18
N GLY A 12 1.23 2.16 -9.61
CA GLY A 12 2.63 2.12 -9.99
C GLY A 12 3.54 2.65 -8.91
N LYS A 13 2.95 3.00 -7.76
CA LYS A 13 3.72 3.53 -6.64
C LYS A 13 3.37 2.81 -5.35
N TRP A 14 4.39 2.45 -4.58
CA TRP A 14 4.19 1.75 -3.32
C TRP A 14 3.25 2.53 -2.41
N THR A 15 2.02 2.03 -2.26
CA THR A 15 1.02 2.68 -1.42
C THR A 15 0.69 1.83 -0.21
N TRP A 16 0.19 2.48 0.84
CA TRP A 16 -0.17 1.77 2.07
C TRP A 16 -1.48 1.00 1.90
N ARG A 17 -1.54 -0.18 2.49
CA ARG A 17 -2.73 -1.01 2.40
C ARG A 17 -3.29 -1.32 3.79
N LYS A 18 -4.61 -1.20 3.93
CA LYS A 18 -5.27 -1.47 5.20
C LYS A 18 -6.30 -2.57 5.06
N ASN A 19 -6.42 -3.41 6.08
CA ASN A 19 -7.37 -4.51 6.07
C ASN A 19 -8.34 -4.41 7.25
N GLU A 20 -8.61 -3.18 7.68
CA GLU A 20 -9.51 -2.94 8.79
C GLU A 20 -10.76 -2.19 8.33
#